data_3P2W
#
_entry.id   3P2W
#
_cell.length_a   33.462
_cell.length_b   98.882
_cell.length_c   36.138
_cell.angle_alpha   90.00
_cell.angle_beta   98.48
_cell.angle_gamma   90.00
#
_symmetry.space_group_name_H-M   'P 1 21 1'
#
loop_
_entity.id
_entity.type
_entity.pdbx_description
1 polymer 'Serine/threonine-protein kinase PLK1'
2 non-polymer 'SULFATE ION'
3 non-polymer GLYCEROL
4 water water
#
_entity_poly.entity_id   1
_entity_poly.type   'polypeptide(L)'
_entity_poly.pdbx_seq_one_letter_code
;GPLGSPEFDCHLSDMLQQLHSVNASKPSERGLVRQEEAEDPACIPIFWVSKWVDYSDKYGLGYQLCDNSVGVLFNDSTRL
ILYNDGDSLQYIERDGTESYLTVSSHPNSLMKKITLLKYFRNYMSEHLLKAGANITPREGDELARLPYLRTWFRTRSAII
LHLSNGSVQINFFQDHTKLILCPLMAAVTYIDEKRDFRTYRLSLLEEYGCCKELASRLRYARTMVDKLLSSR
;
_entity_poly.pdbx_strand_id   A
#
loop_
_chem_comp.id
_chem_comp.type
_chem_comp.name
_chem_comp.formula
GOL non-polymer GLYCEROL 'C3 H8 O3'
SO4 non-polymer 'SULFATE ION' 'O4 S -2'
#
# COMPACT_ATOMS: atom_id res chain seq x y z
N PHE A 8 15.26 -6.46 -10.49
CA PHE A 8 14.34 -7.42 -9.79
C PHE A 8 14.06 -6.95 -8.36
N ASP A 9 14.27 -5.65 -8.13
CA ASP A 9 14.24 -5.01 -6.82
C ASP A 9 12.82 -4.57 -6.44
N CYS A 10 11.94 -4.47 -7.43
CA CYS A 10 10.66 -3.77 -7.32
C CYS A 10 10.82 -2.38 -6.69
N HIS A 11 11.87 -1.67 -7.11
CA HIS A 11 12.11 -0.26 -6.77
C HIS A 11 12.48 0.01 -5.31
N LEU A 12 12.72 -1.04 -4.54
CA LEU A 12 13.02 -0.90 -3.10
C LEU A 12 14.32 -0.17 -2.81
N SER A 13 15.36 -0.45 -3.60
N SER A 13 15.36 -0.45 -3.60
CA SER A 13 16.65 0.22 -3.42
CA SER A 13 16.65 0.21 -3.44
C SER A 13 16.55 1.72 -3.72
C SER A 13 16.54 1.71 -3.71
N ASP A 14 15.74 2.08 -4.71
CA ASP A 14 15.48 3.49 -5.02
C ASP A 14 14.74 4.16 -3.87
N MET A 15 13.74 3.48 -3.31
CA MET A 15 12.98 4.00 -2.17
CA MET A 15 13.00 4.04 -2.19
C MET A 15 13.91 4.23 -0.98
N LEU A 16 14.79 3.26 -0.73
CA LEU A 16 15.74 3.32 0.37
C LEU A 16 16.66 4.54 0.24
N GLN A 17 17.14 4.78 -0.98
N GLN A 17 17.14 4.78 -0.98
CA GLN A 17 17.98 5.96 -1.27
CA GLN A 17 17.96 5.94 -1.29
C GLN A 17 17.22 7.27 -1.01
C GLN A 17 17.22 7.26 -1.01
N GLN A 18 15.97 7.32 -1.45
CA GLN A 18 15.13 8.52 -1.29
C GLN A 18 14.85 8.80 0.17
N LEU A 19 14.56 7.74 0.92
CA LEU A 19 14.29 7.87 2.35
C LEU A 19 15.53 8.25 3.15
N HIS A 20 16.68 7.65 2.83
CA HIS A 20 17.93 8.03 3.48
C HIS A 20 18.20 9.51 3.30
N SER A 21 18.02 9.99 2.08
CA SER A 21 18.29 11.39 1.74
CA SER A 21 18.29 11.39 1.74
C SER A 21 17.41 12.35 2.54
N VAL A 22 16.10 12.07 2.60
CA VAL A 22 15.20 12.95 3.34
C VAL A 22 15.53 12.92 4.84
N ASN A 23 15.73 11.72 5.39
CA ASN A 23 16.00 11.58 6.81
C ASN A 23 17.32 12.21 7.25
N ALA A 24 18.34 12.10 6.40
CA ALA A 24 19.66 12.67 6.68
C ALA A 24 19.65 14.19 6.75
N SER A 25 18.66 14.80 6.10
CA SER A 25 18.50 16.26 6.10
C SER A 25 17.89 16.79 7.40
N LYS A 26 17.43 15.87 8.24
CA LYS A 26 16.76 16.19 9.52
C LYS A 26 15.66 17.24 9.33
N PRO A 27 14.60 16.89 8.58
CA PRO A 27 13.63 17.87 8.09
C PRO A 27 12.84 18.62 9.17
N SER A 28 12.72 18.05 10.37
CA SER A 28 11.99 18.71 11.46
C SER A 28 12.88 19.64 12.29
N GLU A 29 14.19 19.60 12.04
CA GLU A 29 15.14 20.47 12.75
C GLU A 29 15.42 21.72 11.93
N ARG A 30 14.38 22.53 11.74
CA ARG A 30 14.49 23.81 11.04
C ARG A 30 13.84 24.91 11.86
N GLY A 31 14.34 26.15 11.68
CA GLY A 31 13.78 27.32 12.34
C GLY A 31 12.32 27.51 12.01
N LEU A 32 12.01 27.50 10.72
CA LEU A 32 10.63 27.51 10.25
C LEU A 32 10.36 26.38 9.25
N VAL A 33 9.56 25.43 9.68
CA VAL A 33 9.09 24.35 8.81
C VAL A 33 8.06 24.91 7.81
N ARG A 34 8.26 24.60 6.54
CA ARG A 34 7.35 25.04 5.48
C ARG A 34 6.88 23.83 4.65
N GLN A 35 6.31 22.84 5.35
CA GLN A 35 5.86 21.57 4.78
C GLN A 35 4.96 21.72 3.54
N GLU A 36 4.05 22.68 3.59
CA GLU A 36 3.10 22.94 2.50
C GLU A 36 3.78 23.20 1.15
N GLU A 37 4.98 23.77 1.19
CA GLU A 37 5.74 24.06 -0.03
C GLU A 37 6.25 22.80 -0.72
N ALA A 38 6.27 21.70 0.02
CA ALA A 38 6.70 20.40 -0.51
C ALA A 38 5.57 19.62 -1.16
N GLU A 39 4.34 20.11 -1.04
CA GLU A 39 3.18 19.45 -1.66
C GLU A 39 3.28 19.52 -3.19
N ASP A 40 3.00 18.40 -3.84
CA ASP A 40 3.11 18.29 -5.30
C ASP A 40 1.95 17.49 -5.88
N PRO A 41 0.98 18.19 -6.50
CA PRO A 41 -0.19 17.57 -7.13
C PRO A 41 0.17 16.54 -8.20
N ALA A 42 1.31 16.74 -8.85
CA ALA A 42 1.78 15.84 -9.91
C ALA A 42 2.15 14.46 -9.38
N CYS A 43 2.37 14.37 -8.06
CA CYS A 43 2.86 13.15 -7.43
C CYS A 43 1.78 12.32 -6.74
N ILE A 44 0.54 12.77 -6.79
CA ILE A 44 -0.56 12.07 -6.11
C ILE A 44 -0.65 10.63 -6.63
N PRO A 45 -0.68 9.65 -5.72
CA PRO A 45 -0.73 8.24 -6.14
C PRO A 45 -2.05 7.88 -6.80
N ILE A 46 -1.99 6.94 -7.73
CA ILE A 46 -3.18 6.41 -8.39
C ILE A 46 -3.81 5.33 -7.53
N PHE A 47 -2.97 4.52 -6.88
CA PHE A 47 -3.43 3.38 -6.10
C PHE A 47 -2.89 3.37 -4.68
N TRP A 48 -3.75 2.96 -3.75
CA TRP A 48 -3.33 2.58 -2.41
C TRP A 48 -4.29 1.55 -1.87
N VAL A 49 -3.92 0.95 -0.74
CA VAL A 49 -4.78 0.00 -0.07
C VAL A 49 -5.77 0.74 0.83
N SER A 50 -7.06 0.55 0.57
CA SER A 50 -8.13 1.23 1.29
CA SER A 50 -8.09 1.25 1.32
C SER A 50 -8.63 0.45 2.50
N LYS A 51 -8.60 -0.88 2.38
CA LYS A 51 -9.05 -1.79 3.44
C LYS A 51 -8.22 -3.07 3.38
N TRP A 52 -8.00 -3.70 4.52
CA TRP A 52 -7.29 -5.00 4.54
C TRP A 52 -7.80 -5.91 5.64
N VAL A 53 -7.65 -7.22 5.42
CA VAL A 53 -8.07 -8.24 6.37
C VAL A 53 -6.98 -9.29 6.45
N ASP A 54 -6.42 -9.46 7.65
CA ASP A 54 -5.39 -10.46 7.90
C ASP A 54 -6.04 -11.78 8.33
N TYR A 55 -6.05 -12.74 7.40
CA TYR A 55 -6.53 -14.10 7.68
C TYR A 55 -5.38 -15.08 7.40
N SER A 56 -4.17 -14.68 7.76
CA SER A 56 -2.94 -15.42 7.42
C SER A 56 -2.79 -16.73 8.17
N ASP A 57 -3.57 -16.89 9.24
CA ASP A 57 -3.59 -18.12 10.02
CA ASP A 57 -3.57 -18.13 10.02
C ASP A 57 -4.11 -19.31 9.22
N LYS A 58 -4.89 -19.05 8.17
CA LYS A 58 -5.52 -20.10 7.39
C LYS A 58 -5.51 -19.89 5.88
N TYR A 59 -5.71 -18.66 5.45
CA TYR A 59 -6.00 -18.40 4.03
C TYR A 59 -5.06 -17.43 3.34
N GLY A 60 -4.86 -16.26 3.94
CA GLY A 60 -4.02 -15.24 3.35
C GLY A 60 -4.42 -13.84 3.78
N LEU A 61 -4.05 -12.87 2.95
CA LEU A 61 -4.28 -11.46 3.22
C LEU A 61 -5.18 -10.89 2.14
N GLY A 62 -6.37 -10.45 2.54
CA GLY A 62 -7.34 -9.85 1.63
C GLY A 62 -7.26 -8.35 1.71
N TYR A 63 -7.50 -7.67 0.59
CA TYR A 63 -7.41 -6.21 0.59
C TYR A 63 -8.28 -5.59 -0.48
N GLN A 64 -8.58 -4.31 -0.30
CA GLN A 64 -9.30 -3.52 -1.28
C GLN A 64 -8.40 -2.36 -1.69
N LEU A 65 -8.27 -2.12 -3.00
CA LEU A 65 -7.59 -0.92 -3.46
C LEU A 65 -8.58 0.24 -3.55
N CYS A 66 -8.04 1.46 -3.63
CA CYS A 66 -8.88 2.66 -3.66
C CYS A 66 -9.79 2.77 -4.88
N ASP A 67 -9.53 1.98 -5.92
CA ASP A 67 -10.39 1.94 -7.09
C ASP A 67 -11.55 0.93 -6.92
N ASN A 68 -11.64 0.35 -5.73
CA ASN A 68 -12.68 -0.63 -5.37
C ASN A 68 -12.45 -2.06 -5.88
N SER A 69 -11.32 -2.28 -6.55
CA SER A 69 -10.89 -3.64 -6.83
C SER A 69 -10.50 -4.34 -5.52
N VAL A 70 -10.62 -5.65 -5.50
CA VAL A 70 -10.23 -6.43 -4.33
CA VAL A 70 -10.30 -6.47 -4.33
C VAL A 70 -9.22 -7.48 -4.73
N GLY A 71 -8.29 -7.78 -3.83
CA GLY A 71 -7.25 -8.75 -4.11
C GLY A 71 -7.01 -9.64 -2.91
N VAL A 72 -6.40 -10.79 -3.15
CA VAL A 72 -5.96 -11.67 -2.09
C VAL A 72 -4.56 -12.19 -2.42
N LEU A 73 -3.67 -12.13 -1.44
CA LEU A 73 -2.43 -12.89 -1.51
C LEU A 73 -2.60 -14.10 -0.60
N PHE A 74 -2.75 -15.28 -1.22
CA PHE A 74 -3.00 -16.51 -0.48
C PHE A 74 -1.73 -17.06 0.17
N ASN A 75 -1.91 -17.89 1.19
CA ASN A 75 -0.78 -18.54 1.87
C ASN A 75 0.06 -19.41 0.93
N ASP A 76 -0.55 -19.91 -0.14
CA ASP A 76 0.16 -20.73 -1.13
C ASP A 76 0.90 -19.90 -2.19
N SER A 77 0.95 -18.58 -1.99
CA SER A 77 1.71 -17.65 -2.82
C SER A 77 1.10 -17.35 -4.19
N THR A 78 -0.13 -17.79 -4.39
CA THR A 78 -0.90 -17.38 -5.57
C THR A 78 -1.72 -16.14 -5.21
N ARG A 79 -2.14 -15.41 -6.23
CA ARG A 79 -2.90 -14.18 -6.04
C ARG A 79 -4.14 -14.17 -6.91
N LEU A 80 -5.25 -13.68 -6.36
CA LEU A 80 -6.47 -13.51 -7.13
C LEU A 80 -6.95 -12.06 -6.98
N ILE A 81 -7.29 -11.45 -8.11
CA ILE A 81 -7.71 -10.04 -8.15
C ILE A 81 -9.07 -9.93 -8.84
N LEU A 82 -10.02 -9.30 -8.17
CA LEU A 82 -11.32 -9.00 -8.75
C LEU A 82 -11.38 -7.52 -9.09
N TYR A 83 -11.60 -7.21 -10.37
CA TYR A 83 -11.64 -5.83 -10.83
C TYR A 83 -12.91 -5.14 -10.34
N ASN A 84 -12.95 -3.80 -10.40
CA ASN A 84 -14.07 -3.07 -9.85
C ASN A 84 -15.41 -3.26 -10.59
N ASP A 85 -15.37 -3.97 -11.72
CA ASP A 85 -16.60 -4.34 -12.41
C ASP A 85 -17.35 -5.49 -11.71
N GLY A 86 -16.69 -6.12 -10.74
CA GLY A 86 -17.30 -7.16 -9.93
C GLY A 86 -17.35 -8.54 -10.58
N ASP A 87 -16.75 -8.66 -11.77
CA ASP A 87 -16.79 -9.93 -12.51
C ASP A 87 -15.43 -10.34 -13.10
N SER A 88 -14.64 -9.36 -13.54
CA SER A 88 -13.34 -9.64 -14.15
C SER A 88 -12.32 -10.08 -13.10
N LEU A 89 -11.67 -11.22 -13.37
CA LEU A 89 -10.64 -11.76 -12.49
C LEU A 89 -9.28 -11.83 -13.17
N GLN A 90 -8.24 -11.58 -12.37
CA GLN A 90 -6.88 -11.87 -12.78
C GLN A 90 -6.30 -12.87 -11.77
N TYR A 91 -5.79 -13.99 -12.27
CA TYR A 91 -5.19 -14.99 -11.39
C TYR A 91 -3.70 -15.10 -11.66
N ILE A 92 -2.91 -15.10 -10.59
CA ILE A 92 -1.46 -15.17 -10.72
C ILE A 92 -0.92 -16.41 -10.03
N GLU A 93 -0.29 -17.28 -10.82
CA GLU A 93 0.33 -18.50 -10.32
C GLU A 93 1.60 -18.17 -9.55
N ARG A 94 2.12 -19.17 -8.82
CA ARG A 94 3.35 -19.03 -8.05
C ARG A 94 4.54 -18.47 -8.84
N ASP A 95 4.68 -18.90 -10.10
CA ASP A 95 5.81 -18.48 -10.93
C ASP A 95 5.62 -17.12 -11.59
N GLY A 96 4.49 -16.48 -11.30
CA GLY A 96 4.20 -15.13 -11.79
C GLY A 96 3.38 -15.10 -13.08
N THR A 97 3.03 -16.28 -13.59
CA THR A 97 2.22 -16.41 -14.80
C THR A 97 0.81 -15.92 -14.52
N GLU A 98 0.35 -14.96 -15.33
CA GLU A 98 -0.96 -14.34 -15.17
CA GLU A 98 -0.96 -14.37 -15.14
C GLU A 98 -1.96 -14.84 -16.20
N SER A 99 -3.23 -14.92 -15.79
CA SER A 99 -4.32 -15.25 -16.69
C SER A 99 -5.57 -14.52 -16.23
N TYR A 100 -6.50 -14.32 -17.16
CA TYR A 100 -7.71 -13.57 -16.91
C TYR A 100 -8.92 -14.45 -17.15
N LEU A 101 -9.93 -14.29 -16.31
CA LEU A 101 -11.17 -15.05 -16.41
C LEU A 101 -12.30 -14.23 -15.80
N THR A 102 -13.48 -14.85 -15.67
CA THR A 102 -14.62 -14.19 -15.08
C THR A 102 -15.15 -14.98 -13.90
N VAL A 103 -15.78 -14.28 -12.96
CA VAL A 103 -16.50 -14.92 -11.86
C VAL A 103 -17.64 -15.79 -12.40
N SER A 104 -18.36 -15.25 -13.38
CA SER A 104 -19.57 -15.90 -13.91
C SER A 104 -19.27 -17.26 -14.53
N SER A 105 -18.15 -17.36 -15.22
CA SER A 105 -17.75 -18.62 -15.84
C SER A 105 -16.41 -19.02 -15.26
N HIS A 106 -16.40 -19.32 -13.96
CA HIS A 106 -15.17 -19.69 -13.30
C HIS A 106 -15.03 -21.21 -13.16
N PRO A 107 -13.78 -21.72 -13.27
CA PRO A 107 -13.61 -23.16 -13.19
C PRO A 107 -13.58 -23.69 -11.75
N ASN A 108 -13.76 -25.00 -11.63
CA ASN A 108 -13.74 -25.69 -10.34
C ASN A 108 -12.45 -25.45 -9.55
N SER A 109 -11.33 -25.31 -10.26
CA SER A 109 -10.01 -25.14 -9.64
C SER A 109 -9.89 -23.85 -8.85
N LEU A 110 -10.75 -22.87 -9.15
CA LEU A 110 -10.72 -21.60 -8.45
C LEU A 110 -11.95 -21.33 -7.58
N MET A 111 -12.79 -22.34 -7.43
CA MET A 111 -14.01 -22.21 -6.62
C MET A 111 -13.72 -21.74 -5.19
N LYS A 112 -12.78 -22.39 -4.53
CA LYS A 112 -12.45 -22.06 -3.16
C LYS A 112 -11.88 -20.65 -3.04
N LYS A 113 -10.93 -20.32 -3.92
CA LYS A 113 -10.26 -19.03 -3.88
C LYS A 113 -11.22 -17.88 -4.18
N ILE A 114 -12.15 -18.11 -5.11
CA ILE A 114 -13.18 -17.11 -5.41
C ILE A 114 -14.13 -16.92 -4.22
N THR A 115 -14.49 -18.02 -3.57
CA THR A 115 -15.33 -17.99 -2.38
C THR A 115 -14.67 -17.18 -1.27
N LEU A 116 -13.37 -17.40 -1.08
CA LEU A 116 -12.58 -16.63 -0.11
C LEU A 116 -12.50 -15.15 -0.48
N LEU A 117 -12.25 -14.85 -1.75
CA LEU A 117 -12.20 -13.46 -2.18
C LEU A 117 -13.54 -12.76 -1.89
N LYS A 118 -14.66 -13.43 -2.22
CA LYS A 118 -15.99 -12.90 -1.96
CA LYS A 118 -15.99 -12.90 -1.96
C LYS A 118 -16.23 -12.66 -0.46
N TYR A 119 -15.76 -13.60 0.38
CA TYR A 119 -15.85 -13.42 1.82
C TYR A 119 -15.14 -12.13 2.25
N PHE A 120 -13.91 -11.94 1.77
CA PHE A 120 -13.14 -10.75 2.10
C PHE A 120 -13.87 -9.49 1.63
N ARG A 121 -14.35 -9.51 0.39
CA ARG A 121 -15.06 -8.37 -0.21
CA ARG A 121 -15.05 -8.37 -0.20
C ARG A 121 -16.27 -7.97 0.62
N ASN A 122 -17.08 -8.96 1.00
CA ASN A 122 -18.27 -8.71 1.80
CA ASN A 122 -18.27 -8.72 1.81
C ASN A 122 -17.92 -8.21 3.21
N TYR A 123 -16.89 -8.80 3.80
CA TYR A 123 -16.48 -8.39 5.14
C TYR A 123 -16.03 -6.93 5.12
N MET A 124 -15.17 -6.59 4.15
CA MET A 124 -14.67 -5.22 4.04
C MET A 124 -15.80 -4.21 3.82
N SER A 125 -16.77 -4.57 2.99
CA SER A 125 -17.90 -3.71 2.70
C SER A 125 -18.77 -3.42 3.92
N GLU A 126 -19.01 -4.46 4.72
CA GLU A 126 -19.93 -4.38 5.85
CA GLU A 126 -19.94 -4.38 5.84
C GLU A 126 -19.29 -3.84 7.13
N HIS A 127 -17.99 -4.07 7.29
CA HIS A 127 -17.35 -3.86 8.59
C HIS A 127 -16.12 -2.96 8.68
N LEU A 128 -15.62 -2.47 7.54
CA LEU A 128 -14.41 -1.65 7.53
C LEU A 128 -14.60 -0.31 6.82
N LEU A 129 -13.86 0.70 7.28
CA LEU A 129 -13.91 2.04 6.68
C LEU A 129 -12.80 2.23 5.67
N LYS A 130 -13.12 2.98 4.60
CA LYS A 130 -12.22 3.21 3.48
C LYS A 130 -11.14 4.23 3.83
N ALA A 131 -9.87 3.80 3.78
CA ALA A 131 -8.74 4.72 3.88
C ALA A 131 -8.74 5.63 2.66
N GLY A 132 -8.71 6.94 2.92
CA GLY A 132 -8.73 7.96 1.87
C GLY A 132 -10.06 8.03 1.12
N ALA A 133 -11.15 8.03 1.88
CA ALA A 133 -12.50 8.01 1.33
C ALA A 133 -12.83 9.21 0.43
N ASN A 134 -12.67 10.43 0.97
CA ASN A 134 -13.07 11.64 0.25
C ASN A 134 -11.95 12.26 -0.58
N ILE A 135 -11.15 11.41 -1.21
CA ILE A 135 -10.02 11.88 -2.03
C ILE A 135 -10.44 12.00 -3.49
N THR A 136 -9.87 13.00 -4.17
CA THR A 136 -10.14 13.27 -5.58
C THR A 136 -9.96 12.03 -6.44
N PRO A 137 -11.01 11.65 -7.18
CA PRO A 137 -10.94 10.48 -8.07
C PRO A 137 -10.09 10.70 -9.32
N ARG A 138 -10.12 11.93 -9.86
CA ARG A 138 -9.37 12.30 -11.07
C ARG A 138 -9.41 11.21 -12.16
N ARG A 145 -2.17 0.23 -15.03
CA ARG A 145 -2.08 -1.20 -14.73
C ARG A 145 -2.36 -1.46 -13.25
N LEU A 146 -3.34 -2.32 -12.97
CA LEU A 146 -3.72 -2.62 -11.59
C LEU A 146 -2.61 -3.39 -10.86
N PRO A 147 -2.08 -2.80 -9.77
CA PRO A 147 -1.04 -3.48 -9.00
C PRO A 147 -1.62 -4.54 -8.09
N TYR A 148 -0.78 -5.49 -7.69
CA TYR A 148 -1.16 -6.50 -6.71
C TYR A 148 -0.21 -6.44 -5.52
N LEU A 149 -0.57 -7.16 -4.46
CA LEU A 149 0.26 -7.21 -3.27
C LEU A 149 1.42 -8.18 -3.46
N ARG A 150 2.63 -7.63 -3.52
CA ARG A 150 3.84 -8.41 -3.71
C ARG A 150 4.20 -9.14 -2.41
N THR A 151 4.29 -8.38 -1.33
CA THR A 151 4.50 -8.95 -0.01
C THR A 151 4.00 -7.99 1.06
N TRP A 152 3.91 -8.52 2.28
CA TRP A 152 3.47 -7.75 3.42
C TRP A 152 4.04 -8.38 4.69
N PHE A 153 4.11 -7.57 5.75
CA PHE A 153 4.38 -8.07 7.09
C PHE A 153 3.81 -7.11 8.11
N ARG A 154 3.70 -7.59 9.35
CA ARG A 154 3.25 -6.75 10.46
C ARG A 154 4.32 -6.67 11.52
N THR A 155 4.48 -5.48 12.08
CA THR A 155 5.28 -5.27 13.27
C THR A 155 4.30 -5.04 14.42
N ARG A 156 4.80 -4.64 15.57
CA ARG A 156 3.93 -4.34 16.70
C ARG A 156 3.17 -3.03 16.51
N SER A 157 3.68 -2.17 15.62
CA SER A 157 3.16 -0.81 15.44
CA SER A 157 3.14 -0.82 15.45
C SER A 157 2.49 -0.58 14.09
N ALA A 158 2.74 -1.46 13.12
CA ALA A 158 2.28 -1.20 11.76
C ALA A 158 2.11 -2.44 10.88
N ILE A 159 1.33 -2.29 9.82
CA ILE A 159 1.31 -3.26 8.73
C ILE A 159 1.98 -2.61 7.52
N ILE A 160 2.88 -3.37 6.90
CA ILE A 160 3.67 -2.86 5.78
C ILE A 160 3.20 -3.61 4.55
N LEU A 161 2.80 -2.86 3.53
CA LEU A 161 2.22 -3.44 2.32
C LEU A 161 3.01 -2.98 1.10
N HIS A 162 3.65 -3.93 0.42
CA HIS A 162 4.48 -3.62 -0.73
C HIS A 162 3.73 -4.02 -2.00
N LEU A 163 3.38 -3.03 -2.82
CA LEU A 163 2.61 -3.29 -4.04
C LEU A 163 3.52 -3.50 -5.25
N SER A 164 3.00 -4.20 -6.26
CA SER A 164 3.78 -4.58 -7.43
C SER A 164 4.22 -3.41 -8.31
N ASN A 165 3.62 -2.23 -8.08
CA ASN A 165 4.05 -1.01 -8.78
C ASN A 165 5.20 -0.27 -8.09
N GLY A 166 5.73 -0.88 -7.03
CA GLY A 166 6.86 -0.33 -6.28
C GLY A 166 6.48 0.47 -5.06
N SER A 167 5.20 0.80 -4.94
CA SER A 167 4.71 1.56 -3.78
CA SER A 167 4.74 1.57 -3.78
C SER A 167 4.81 0.75 -2.50
N VAL A 168 5.12 1.42 -1.41
CA VAL A 168 5.13 0.80 -0.08
C VAL A 168 4.19 1.61 0.80
N GLN A 169 3.19 0.91 1.36
CA GLN A 169 2.24 1.54 2.24
C GLN A 169 2.46 1.05 3.65
N ILE A 170 2.52 1.99 4.59
CA ILE A 170 2.65 1.66 6.00
C ILE A 170 1.47 2.23 6.77
N ASN A 171 0.69 1.35 7.39
CA ASN A 171 -0.47 1.74 8.19
C ASN A 171 -0.14 1.57 9.67
N PHE A 172 -0.12 2.68 10.41
CA PHE A 172 0.23 2.63 11.83
C PHE A 172 -1.01 2.33 12.67
N PHE A 173 -0.92 1.29 13.50
CA PHE A 173 -2.08 0.80 14.26
C PHE A 173 -2.62 1.76 15.31
N GLN A 174 -1.71 2.45 16.00
CA GLN A 174 -2.07 3.16 17.24
C GLN A 174 -2.91 4.40 17.01
N ASP A 175 -2.64 5.11 15.92
CA ASP A 175 -3.29 6.40 15.64
C ASP A 175 -3.94 6.46 14.26
N HIS A 176 -3.92 5.32 13.58
CA HIS A 176 -4.47 5.18 12.22
C HIS A 176 -3.86 6.10 11.16
N THR A 177 -2.66 6.61 11.43
CA THR A 177 -1.92 7.36 10.40
C THR A 177 -1.33 6.39 9.39
N LYS A 178 -1.08 6.89 8.18
CA LYS A 178 -0.62 6.03 7.07
C LYS A 178 0.34 6.78 6.16
N LEU A 179 1.32 6.05 5.64
CA LEU A 179 2.20 6.56 4.59
C LEU A 179 2.03 5.73 3.33
N ILE A 180 1.98 6.42 2.19
CA ILE A 180 2.02 5.76 0.90
C ILE A 180 3.27 6.31 0.19
N LEU A 181 4.27 5.46 0.06
CA LEU A 181 5.54 5.85 -0.53
C LEU A 181 5.66 5.34 -1.95
N CYS A 182 6.00 6.23 -2.88
CA CYS A 182 6.17 5.83 -4.27
C CYS A 182 7.57 6.20 -4.75
N PRO A 183 8.37 5.20 -5.14
CA PRO A 183 9.74 5.45 -5.60
C PRO A 183 9.83 5.98 -7.03
N LEU A 184 8.75 5.83 -7.79
CA LEU A 184 8.68 6.36 -9.16
C LEU A 184 8.52 7.87 -9.15
N MET A 185 7.62 8.35 -8.30
CA MET A 185 7.38 9.78 -8.10
C MET A 185 8.37 10.37 -7.09
N ALA A 186 9.05 9.49 -6.33
CA ALA A 186 9.88 9.91 -5.20
C ALA A 186 9.07 10.79 -4.25
N ALA A 187 7.92 10.26 -3.85
CA ALA A 187 6.92 10.99 -3.11
C ALA A 187 6.39 10.20 -1.94
N VAL A 188 5.86 10.93 -0.95
CA VAL A 188 5.15 10.31 0.16
C VAL A 188 3.80 10.98 0.32
N THR A 189 2.77 10.16 0.47
CA THR A 189 1.47 10.65 0.87
C THR A 189 1.25 10.33 2.33
N TYR A 190 0.91 11.35 3.11
CA TYR A 190 0.64 11.18 4.53
C TYR A 190 -0.85 11.34 4.80
N ILE A 191 -1.44 10.31 5.39
CA ILE A 191 -2.81 10.40 5.88
C ILE A 191 -2.71 10.54 7.39
N ASP A 192 -3.13 11.69 7.90
CA ASP A 192 -2.99 11.97 9.34
C ASP A 192 -4.18 11.43 10.13
N GLU A 193 -4.14 11.60 11.45
CA GLU A 193 -5.17 11.06 12.34
C GLU A 193 -6.56 11.62 12.07
N LYS A 194 -6.59 12.88 11.62
CA LYS A 194 -7.83 13.57 11.24
C LYS A 194 -8.22 13.27 9.79
N ARG A 195 -7.57 12.27 9.20
CA ARG A 195 -7.84 11.79 7.84
C ARG A 195 -7.49 12.79 6.72
N ASP A 196 -6.64 13.77 7.02
CA ASP A 196 -6.15 14.70 5.99
C ASP A 196 -5.07 14.05 5.13
N PHE A 197 -5.28 14.09 3.82
CA PHE A 197 -4.50 13.35 2.82
C PHE A 197 -3.66 14.37 2.04
N ARG A 198 -2.34 14.27 2.19
CA ARG A 198 -1.42 15.22 1.56
C ARG A 198 -0.23 14.51 0.92
N THR A 199 0.10 14.90 -0.31
CA THR A 199 1.21 14.28 -1.05
C THR A 199 2.39 15.24 -1.20
N TYR A 200 3.57 14.75 -0.81
CA TYR A 200 4.80 15.56 -0.82
C TYR A 200 5.86 14.93 -1.67
N ARG A 201 6.63 15.76 -2.39
CA ARG A 201 7.83 15.26 -3.03
C ARG A 201 8.94 15.18 -1.96
N LEU A 202 9.57 14.02 -1.85
CA LEU A 202 10.58 13.79 -0.81
C LEU A 202 11.76 14.77 -0.84
N SER A 203 12.24 15.10 -2.04
CA SER A 203 13.34 16.04 -2.20
C SER A 203 12.96 17.44 -1.70
N LEU A 204 11.68 17.78 -1.83
CA LEU A 204 11.20 19.06 -1.33
C LEU A 204 11.03 19.11 0.19
N LEU A 205 10.78 17.96 0.81
CA LEU A 205 10.79 17.87 2.27
C LEU A 205 12.18 18.17 2.84
N GLU A 206 13.23 17.76 2.13
CA GLU A 206 14.60 18.13 2.50
C GLU A 206 14.78 19.63 2.53
N GLU A 207 14.26 20.30 1.50
CA GLU A 207 14.42 21.72 1.30
C GLU A 207 13.59 22.55 2.27
N TYR A 208 12.31 22.19 2.42
CA TYR A 208 11.36 23.05 3.14
C TYR A 208 11.09 22.57 4.56
N GLY A 209 11.45 21.33 4.85
CA GLY A 209 11.23 20.76 6.18
C GLY A 209 9.86 20.11 6.31
N CYS A 210 9.65 19.40 7.41
CA CYS A 210 8.33 18.86 7.76
C CYS A 210 8.17 18.78 9.26
N CYS A 211 6.93 18.56 9.71
CA CYS A 211 6.65 18.41 11.13
C CYS A 211 7.31 17.17 11.73
N LYS A 212 7.48 17.19 13.05
CA LYS A 212 8.10 16.08 13.79
C LYS A 212 7.38 14.75 13.57
N GLU A 213 6.05 14.81 13.47
CA GLU A 213 5.23 13.61 13.28
C GLU A 213 5.52 12.90 11.97
N LEU A 214 5.57 13.66 10.86
CA LEU A 214 5.92 13.07 9.58
C LEU A 214 7.37 12.61 9.57
N ALA A 215 8.27 13.42 10.14
CA ALA A 215 9.69 13.07 10.16
C ALA A 215 9.93 11.73 10.87
N SER A 216 9.26 11.52 11.99
CA SER A 216 9.43 10.29 12.76
C SER A 216 8.93 9.07 11.99
N ARG A 217 7.82 9.24 11.29
CA ARG A 217 7.23 8.17 10.51
C ARG A 217 8.08 7.83 9.29
N LEU A 218 8.73 8.84 8.70
CA LEU A 218 9.68 8.60 7.62
C LEU A 218 10.94 7.87 8.09
N ARG A 219 11.35 8.11 9.34
CA ARG A 219 12.48 7.38 9.92
C ARG A 219 12.10 5.90 10.07
N TYR A 220 10.91 5.65 10.58
CA TYR A 220 10.40 4.28 10.71
C TYR A 220 10.28 3.61 9.34
N ALA A 221 9.79 4.36 8.36
CA ALA A 221 9.63 3.88 6.99
C ALA A 221 10.95 3.36 6.41
N ARG A 222 12.05 4.08 6.65
CA ARG A 222 13.36 3.65 6.16
C ARG A 222 13.72 2.28 6.73
N THR A 223 13.45 2.09 8.03
CA THR A 223 13.71 0.82 8.69
C THR A 223 12.85 -0.30 8.08
N MET A 224 11.62 0.02 7.73
CA MET A 224 10.70 -0.94 7.11
C MET A 224 11.13 -1.34 5.70
N VAL A 225 11.65 -0.38 4.93
CA VAL A 225 12.16 -0.66 3.60
C VAL A 225 13.41 -1.54 3.71
N ASP A 226 14.27 -1.23 4.68
CA ASP A 226 15.43 -2.07 5.01
C ASP A 226 14.99 -3.51 5.29
N LYS A 227 13.89 -3.66 6.03
CA LYS A 227 13.32 -4.98 6.34
C LYS A 227 12.86 -5.72 5.08
N LEU A 228 12.19 -5.00 4.17
CA LEU A 228 11.77 -5.59 2.90
C LEU A 228 12.96 -6.05 2.08
N LEU A 229 14.00 -5.22 2.05
CA LEU A 229 15.24 -5.52 1.33
C LEU A 229 16.01 -6.70 1.94
N SER A 230 15.85 -6.89 3.24
CA SER A 230 16.59 -7.93 3.95
C SER A 230 15.87 -9.29 3.96
N SER A 231 14.62 -9.32 3.52
CA SER A 231 13.81 -10.56 3.59
C SER A 231 13.22 -11.01 2.25
N ARG A 232 13.91 -10.70 1.15
CA ARG A 232 13.49 -11.10 -0.18
C ARG A 232 13.53 -12.62 -0.35
S SO4 B . -4.82 -21.15 0.21
O1 SO4 B . -5.72 -20.48 1.16
O2 SO4 B . -5.20 -20.79 -1.14
O3 SO4 B . -3.45 -20.74 0.46
O4 SO4 B . -4.93 -22.60 0.38
S SO4 C . 8.02 -2.55 16.14
O1 SO4 C . 6.78 -1.80 16.24
O2 SO4 C . 8.66 -2.32 14.85
O3 SO4 C . 8.93 -2.13 17.21
O4 SO4 C . 7.73 -3.98 16.29
C1 GOL D . 13.94 -1.58 21.35
O1 GOL D . 13.24 -0.46 20.87
C2 GOL D . 15.04 -1.96 20.37
O2 GOL D . 15.40 -3.30 20.59
C3 GOL D . 16.25 -1.08 20.59
O3 GOL D . 16.15 0.09 19.80
C1 GOL E . -8.06 -2.83 10.66
O1 GOL E . -7.81 -2.04 11.81
C2 GOL E . -8.07 -1.94 9.42
O2 GOL E . -9.04 -0.93 9.59
C3 GOL E . -8.43 -2.78 8.20
O3 GOL E . -8.63 -1.98 7.04
C1 GOL F . -12.59 -10.73 -19.85
O1 GOL F . -13.82 -11.33 -20.18
C2 GOL F . -12.14 -11.23 -18.47
O2 GOL F . -11.36 -12.39 -18.65
C3 GOL F . -11.30 -10.15 -17.79
O3 GOL F . -10.66 -10.67 -16.65
#